data_1FY6
#
_entry.id   1FY6
#
_cell.length_a   84.671
_cell.length_b   84.671
_cell.length_c   160.036
_cell.angle_alpha   90.00
_cell.angle_beta   90.00
_cell.angle_gamma   120.00
#
_symmetry.space_group_name_H-M   'P 31 2 1'
#
loop_
_entity.id
_entity.type
_entity.pdbx_description
1 polymer '2-DEHYDRO-3-DEOXYPHOSPHOOCTONATE ALDOLASE'
2 non-polymer 'PHOSPHATE ION'
3 non-polymer 'CADMIUM ION'
4 non-polymer ARABINOSE-5-PHOSPHATE
5 water water
#
_entity_poly.entity_id   1
_entity_poly.type   'polypeptide(L)'
_entity_poly.pdbx_seq_one_letter_code
;MEKFLVIAGPCAIESEELLLKVGEEIKRLSEKFKEVEFVFKSSFDKANRSSIHSFRGHGLEYGVKALRKVKEEFGLKITT
DIHESWQAEPVAEVADIIQIPAFLCRQTDLLLAAAKTGRAVNVKKGQFLAPWDTKNVVEKLKFGGAKEIYLTERGTTFGY
NNLVVDFRSLPIMKQWAKVIYDATHSVQLPGGLGDKSGGMREFIFPLIRAAVAVGCDGVFMETHPEPEKALSDASTQLPL
SQLEGIIEAILEIREVASKYYETIPVK
;
_entity_poly.pdbx_strand_id   A,B
#
# COMPACT_ATOMS: atom_id res chain seq x y z
N GLU A 2 -9.67 30.02 -9.88
CA GLU A 2 -10.48 28.78 -9.92
C GLU A 2 -11.10 28.54 -8.55
N LYS A 3 -12.29 27.94 -8.52
CA LYS A 3 -12.99 27.68 -7.27
C LYS A 3 -12.21 26.71 -6.38
N PHE A 4 -11.96 27.12 -5.14
CA PHE A 4 -11.22 26.29 -4.18
C PHE A 4 -12.07 25.13 -3.72
N LEU A 5 -11.47 23.95 -3.62
CA LEU A 5 -12.19 22.76 -3.22
C LEU A 5 -11.94 22.44 -1.75
N VAL A 6 -13.01 22.13 -1.03
CA VAL A 6 -12.91 21.75 0.37
C VAL A 6 -13.65 20.42 0.47
N ILE A 7 -12.88 19.36 0.71
CA ILE A 7 -13.44 18.02 0.85
C ILE A 7 -13.45 17.78 2.36
N ALA A 8 -14.64 17.56 2.93
CA ALA A 8 -14.74 17.36 4.37
C ALA A 8 -15.87 16.43 4.76
N GLY A 9 -15.79 15.90 5.97
CA GLY A 9 -16.81 15.00 6.46
C GLY A 9 -16.21 14.07 7.51
N PRO A 10 -17.03 13.25 8.18
CA PRO A 10 -16.54 12.31 9.20
C PRO A 10 -15.69 11.23 8.55
N CYS A 11 -14.62 10.84 9.23
CA CYS A 11 -13.72 9.81 8.70
C CYS A 11 -14.50 8.57 8.25
N ALA A 12 -15.27 8.01 9.18
CA ALA A 12 -16.03 6.80 8.89
C ALA A 12 -17.54 7.02 9.02
N ILE A 13 -18.31 6.22 8.29
CA ILE A 13 -19.76 6.31 8.32
C ILE A 13 -20.26 5.55 9.54
N GLU A 14 -20.07 6.17 10.71
CA GLU A 14 -20.49 5.58 11.97
C GLU A 14 -21.99 5.30 11.99
N SER A 15 -22.75 6.15 11.29
CA SER A 15 -24.19 6.01 11.21
C SER A 15 -24.71 7.06 10.24
N GLU A 16 -25.91 6.85 9.71
CA GLU A 16 -26.50 7.80 8.78
C GLU A 16 -26.84 9.09 9.53
N GLU A 17 -27.05 8.97 10.84
CA GLU A 17 -27.35 10.12 11.67
C GLU A 17 -26.14 11.06 11.72
N LEU A 18 -24.97 10.49 12.01
CA LEU A 18 -23.73 11.25 12.07
C LEU A 18 -23.54 12.03 10.77
N LEU A 19 -23.74 11.34 9.65
CA LEU A 19 -23.59 11.95 8.34
C LEU A 19 -24.51 13.13 8.09
N LEU A 20 -25.76 13.01 8.54
CA LEU A 20 -26.74 14.08 8.35
C LEU A 20 -26.37 15.32 9.16
N LYS A 21 -25.85 15.09 10.36
CA LYS A 21 -25.46 16.19 11.24
C LYS A 21 -24.29 16.96 10.63
N VAL A 22 -23.30 16.24 10.12
CA VAL A 22 -22.13 16.87 9.51
C VAL A 22 -22.52 17.53 8.19
N GLY A 23 -23.32 16.83 7.40
CA GLY A 23 -23.76 17.37 6.12
C GLY A 23 -24.54 18.66 6.26
N GLU A 24 -25.33 18.74 7.33
CA GLU A 24 -26.13 19.93 7.58
C GLU A 24 -25.20 21.14 7.74
N GLU A 25 -24.13 20.96 8.52
CA GLU A 25 -23.17 22.03 8.75
C GLU A 25 -22.39 22.35 7.48
N ILE A 26 -22.04 21.31 6.72
CA ILE A 26 -21.31 21.53 5.48
C ILE A 26 -22.21 22.29 4.51
N LYS A 27 -23.49 21.93 4.47
CA LYS A 27 -24.45 22.59 3.61
C LYS A 27 -24.54 24.08 3.99
N ARG A 28 -24.59 24.35 5.29
CA ARG A 28 -24.68 25.73 5.76
C ARG A 28 -23.45 26.50 5.31
N LEU A 29 -22.28 25.90 5.47
CA LEU A 29 -21.03 26.55 5.08
C LEU A 29 -20.95 26.79 3.57
N SER A 30 -21.52 25.87 2.79
CA SER A 30 -21.48 26.01 1.34
C SER A 30 -22.30 27.22 0.90
N GLU A 31 -23.31 27.57 1.70
CA GLU A 31 -24.15 28.72 1.39
C GLU A 31 -23.40 30.00 1.73
N LYS A 32 -22.59 29.94 2.78
CA LYS A 32 -21.80 31.10 3.20
C LYS A 32 -20.60 31.31 2.30
N PHE A 33 -19.80 30.26 2.13
CA PHE A 33 -18.60 30.35 1.29
C PHE A 33 -18.91 29.95 -0.15
N LYS A 34 -19.64 30.81 -0.84
CA LYS A 34 -20.04 30.55 -2.21
C LYS A 34 -18.89 30.46 -3.21
N GLU A 35 -17.70 30.92 -2.83
CA GLU A 35 -16.56 30.84 -3.75
C GLU A 35 -15.85 29.48 -3.58
N VAL A 36 -16.38 28.64 -2.69
CA VAL A 36 -15.81 27.32 -2.45
C VAL A 36 -16.69 26.20 -2.98
N GLU A 37 -16.06 25.15 -3.49
CA GLU A 37 -16.82 24.00 -3.96
C GLU A 37 -16.65 22.92 -2.90
N PHE A 38 -17.72 22.61 -2.18
CA PHE A 38 -17.65 21.59 -1.14
C PHE A 38 -17.96 20.20 -1.66
N VAL A 39 -17.32 19.20 -1.07
CA VAL A 39 -17.54 17.81 -1.40
C VAL A 39 -17.58 17.06 -0.08
N PHE A 40 -18.70 16.38 0.19
CA PHE A 40 -18.87 15.64 1.43
C PHE A 40 -18.16 14.30 1.35
N LYS A 41 -17.34 13.99 2.36
CA LYS A 41 -16.58 12.74 2.38
C LYS A 41 -16.77 11.89 3.63
N SER A 42 -16.81 10.57 3.42
CA SER A 42 -16.90 9.60 4.50
C SER A 42 -16.69 8.19 3.90
N SER A 43 -15.97 7.35 4.63
CA SER A 43 -15.68 5.99 4.16
C SER A 43 -16.67 4.94 4.67
N PHE A 44 -17.17 4.11 3.75
CA PHE A 44 -18.10 3.05 4.14
C PHE A 44 -17.31 1.90 4.76
N ASP A 45 -15.99 1.94 4.59
CA ASP A 45 -15.13 0.91 5.16
C ASP A 45 -13.69 1.36 5.40
N LYS A 46 -13.19 1.06 6.58
CA LYS A 46 -11.80 1.36 6.92
C LYS A 46 -11.19 -0.02 6.73
N ALA A 47 -10.76 -0.28 5.49
CA ALA A 47 -10.20 -1.58 5.12
C ALA A 47 -8.73 -1.80 5.47
N ASN A 48 -8.09 -0.80 6.06
CA ASN A 48 -6.67 -0.92 6.39
C ASN A 48 -6.31 -0.56 7.83
N ARG A 49 -7.22 -0.79 8.78
CA ARG A 49 -6.93 -0.50 10.19
C ARG A 49 -5.73 -1.34 10.62
N SER A 50 -4.96 -0.83 11.58
CA SER A 50 -3.80 -1.56 12.07
C SER A 50 -4.25 -2.82 12.80
N SER A 51 -5.26 -2.67 13.65
CA SER A 51 -5.77 -3.78 14.43
C SER A 51 -7.05 -4.42 13.90
N ILE A 52 -7.14 -5.75 14.05
CA ILE A 52 -8.31 -6.48 13.62
C ILE A 52 -9.50 -6.16 14.52
N HIS A 53 -9.22 -5.61 15.71
CA HIS A 53 -10.29 -5.28 16.64
C HIS A 53 -10.87 -3.88 16.47
N SER A 54 -10.32 -3.10 15.54
CA SER A 54 -10.81 -1.74 15.30
C SER A 54 -12.04 -1.64 14.40
N PHE A 55 -12.74 -0.52 14.49
CA PHE A 55 -13.95 -0.27 13.71
C PHE A 55 -13.68 -0.16 12.21
N ARG A 56 -14.43 -0.91 11.41
CA ARG A 56 -14.29 -0.88 9.95
C ARG A 56 -15.46 -0.17 9.28
N GLY A 57 -16.67 -0.53 9.68
CA GLY A 57 -17.84 0.12 9.09
C GLY A 57 -19.05 -0.78 9.09
N HIS A 58 -20.08 -0.37 8.37
CA HIS A 58 -21.32 -1.13 8.30
C HIS A 58 -21.58 -1.70 6.91
N GLY A 59 -20.53 -1.80 6.10
CA GLY A 59 -20.68 -2.35 4.77
C GLY A 59 -20.93 -1.34 3.68
N LEU A 60 -20.59 -1.72 2.45
CA LEU A 60 -20.75 -0.89 1.26
C LEU A 60 -22.20 -0.49 1.02
N GLU A 61 -23.10 -1.48 1.00
CA GLU A 61 -24.51 -1.21 0.77
C GLU A 61 -25.04 -0.10 1.67
N TYR A 62 -24.83 -0.24 2.97
CA TYR A 62 -25.29 0.74 3.95
C TYR A 62 -24.69 2.13 3.72
N GLY A 63 -23.38 2.18 3.50
CA GLY A 63 -22.69 3.43 3.29
C GLY A 63 -23.11 4.22 2.07
N VAL A 64 -23.29 3.53 0.95
CA VAL A 64 -23.70 4.18 -0.30
C VAL A 64 -25.09 4.77 -0.11
N LYS A 65 -25.94 4.04 0.61
CA LYS A 65 -27.31 4.49 0.86
C LYS A 65 -27.25 5.74 1.74
N ALA A 66 -26.38 5.70 2.74
CA ALA A 66 -26.22 6.82 3.66
C ALA A 66 -25.71 8.06 2.92
N LEU A 67 -24.70 7.88 2.08
CA LEU A 67 -24.14 8.97 1.30
C LEU A 67 -25.16 9.54 0.33
N ARG A 68 -25.95 8.65 -0.27
CA ARG A 68 -26.98 9.10 -1.20
C ARG A 68 -27.99 9.99 -0.47
N LYS A 69 -28.24 9.68 0.79
CA LYS A 69 -29.18 10.46 1.61
C LYS A 69 -28.64 11.88 1.80
N VAL A 70 -27.33 11.99 2.00
CA VAL A 70 -26.70 13.29 2.19
C VAL A 70 -26.84 14.11 0.91
N LYS A 71 -26.47 13.51 -0.22
CA LYS A 71 -26.55 14.19 -1.51
C LYS A 71 -27.98 14.64 -1.80
N GLU A 72 -28.93 13.78 -1.45
CA GLU A 72 -30.35 14.04 -1.67
C GLU A 72 -30.91 15.13 -0.76
N GLU A 73 -30.67 14.99 0.54
CA GLU A 73 -31.16 15.94 1.52
C GLU A 73 -30.47 17.31 1.48
N PHE A 74 -29.20 17.33 1.10
CA PHE A 74 -28.46 18.60 1.07
C PHE A 74 -27.97 19.06 -0.30
N GLY A 75 -28.05 18.18 -1.29
CA GLY A 75 -27.60 18.55 -2.62
C GLY A 75 -26.11 18.78 -2.68
N LEU A 76 -25.35 17.98 -1.94
CA LEU A 76 -23.90 18.09 -1.89
C LEU A 76 -23.20 17.01 -2.71
N LYS A 77 -22.04 17.36 -3.28
CA LYS A 77 -21.27 16.40 -4.04
C LYS A 77 -20.73 15.38 -3.03
N ILE A 78 -20.46 14.17 -3.51
CA ILE A 78 -20.03 13.09 -2.64
C ILE A 78 -18.72 12.42 -3.08
N THR A 79 -17.93 11.98 -2.10
CA THR A 79 -16.71 11.25 -2.36
C THR A 79 -16.50 10.23 -1.26
N THR A 80 -15.97 9.08 -1.63
CA THR A 80 -15.67 8.01 -0.69
C THR A 80 -14.60 7.15 -1.36
N ASP A 81 -13.91 6.32 -0.59
CA ASP A 81 -12.86 5.51 -1.16
C ASP A 81 -13.21 4.04 -1.40
N ILE A 82 -12.58 3.45 -2.42
CA ILE A 82 -12.79 2.05 -2.76
C ILE A 82 -11.52 1.29 -2.43
N HIS A 83 -11.65 -0.02 -2.20
CA HIS A 83 -10.51 -0.82 -1.81
C HIS A 83 -10.18 -1.99 -2.73
N GLU A 84 -11.15 -2.37 -3.55
CA GLU A 84 -10.95 -3.42 -4.54
C GLU A 84 -11.75 -3.02 -5.77
N SER A 85 -11.33 -3.49 -6.93
CA SER A 85 -11.95 -3.14 -8.19
C SER A 85 -13.47 -3.23 -8.29
N TRP A 86 -14.05 -4.29 -7.74
CA TRP A 86 -15.49 -4.49 -7.85
C TRP A 86 -16.33 -3.38 -7.20
N GLN A 87 -15.73 -2.61 -6.31
CA GLN A 87 -16.49 -1.56 -5.63
C GLN A 87 -16.71 -0.30 -6.43
N ALA A 88 -15.88 -0.04 -7.44
CA ALA A 88 -15.99 1.16 -8.24
C ALA A 88 -17.37 1.36 -8.87
N GLU A 89 -17.89 0.35 -9.54
CA GLU A 89 -19.20 0.45 -10.17
C GLU A 89 -20.31 0.88 -9.21
N PRO A 90 -20.55 0.11 -8.14
CA PRO A 90 -21.61 0.51 -7.21
C PRO A 90 -21.39 1.87 -6.54
N VAL A 91 -20.14 2.17 -6.20
CA VAL A 91 -19.81 3.43 -5.57
C VAL A 91 -20.02 4.59 -6.53
N ALA A 92 -19.68 4.39 -7.80
CA ALA A 92 -19.83 5.43 -8.81
C ALA A 92 -21.27 5.92 -8.95
N GLU A 93 -22.22 5.14 -8.47
CA GLU A 93 -23.62 5.53 -8.55
C GLU A 93 -23.89 6.79 -7.72
N VAL A 94 -23.21 6.91 -6.58
CA VAL A 94 -23.42 8.07 -5.70
C VAL A 94 -22.24 9.04 -5.62
N ALA A 95 -21.02 8.52 -5.74
CA ALA A 95 -19.83 9.35 -5.62
C ALA A 95 -19.45 10.15 -6.86
N ASP A 96 -19.26 11.46 -6.65
CA ASP A 96 -18.86 12.37 -7.72
C ASP A 96 -17.35 12.22 -7.92
N ILE A 97 -16.66 11.91 -6.83
CA ILE A 97 -15.21 11.72 -6.86
C ILE A 97 -14.90 10.41 -6.15
N ILE A 98 -14.22 9.50 -6.84
CA ILE A 98 -13.84 8.21 -6.26
C ILE A 98 -12.42 8.36 -5.72
N GLN A 99 -12.25 8.06 -4.44
CA GLN A 99 -10.95 8.18 -3.78
C GLN A 99 -10.16 6.88 -3.73
N ILE A 100 -8.88 6.99 -4.05
CA ILE A 100 -7.96 5.86 -4.01
C ILE A 100 -7.09 5.99 -2.76
N PRO A 101 -7.14 4.99 -1.86
CA PRO A 101 -6.33 5.02 -0.63
C PRO A 101 -4.83 5.13 -0.90
N ALA A 102 -4.11 5.75 0.04
CA ALA A 102 -2.67 5.94 -0.06
C ALA A 102 -1.87 4.63 -0.27
N PHE A 103 -2.16 3.60 0.51
CA PHE A 103 -1.44 2.33 0.36
C PHE A 103 -1.71 1.70 -1.01
N LEU A 104 -2.84 2.04 -1.63
CA LEU A 104 -3.24 1.45 -2.90
C LEU A 104 -3.03 2.31 -4.15
N CYS A 105 -2.26 3.39 -4.03
CA CYS A 105 -2.02 4.30 -5.15
C CYS A 105 -1.28 3.71 -6.35
N ARG A 106 -0.70 2.52 -6.19
CA ARG A 106 -0.01 1.91 -7.31
C ARG A 106 -0.70 0.66 -7.86
N GLN A 107 -1.87 0.32 -7.30
CA GLN A 107 -2.63 -0.85 -7.75
C GLN A 107 -3.32 -0.50 -9.06
N THR A 108 -2.75 -0.95 -10.17
CA THR A 108 -3.28 -0.66 -11.50
C THR A 108 -4.75 -0.93 -11.75
N ASP A 109 -5.26 -2.10 -11.37
CA ASP A 109 -6.67 -2.41 -11.60
C ASP A 109 -7.64 -1.54 -10.81
N LEU A 110 -7.23 -1.09 -9.63
CA LEU A 110 -8.10 -0.25 -8.81
C LEU A 110 -8.23 1.12 -9.49
N LEU A 111 -7.11 1.67 -9.94
CA LEU A 111 -7.11 2.96 -10.63
C LEU A 111 -7.93 2.85 -11.92
N LEU A 112 -7.71 1.80 -12.69
CA LEU A 112 -8.45 1.60 -13.94
C LEU A 112 -9.96 1.43 -13.67
N ALA A 113 -10.30 0.74 -12.59
CA ALA A 113 -11.70 0.51 -12.25
C ALA A 113 -12.40 1.83 -11.96
N ALA A 114 -11.69 2.74 -11.31
CA ALA A 114 -12.24 4.04 -10.97
C ALA A 114 -12.39 4.91 -12.22
N ALA A 115 -11.33 4.95 -13.02
CA ALA A 115 -11.30 5.76 -14.24
C ALA A 115 -12.41 5.51 -15.25
N LYS A 116 -12.77 4.24 -15.45
CA LYS A 116 -13.80 3.89 -16.42
C LYS A 116 -15.24 4.22 -15.99
N THR A 117 -15.44 4.63 -14.74
CA THR A 117 -16.79 4.98 -14.28
C THR A 117 -17.19 6.34 -14.83
N GLY A 118 -16.22 7.12 -15.27
CA GLY A 118 -16.51 8.43 -15.80
C GLY A 118 -16.50 9.48 -14.70
N ARG A 119 -16.33 9.04 -13.46
CA ARG A 119 -16.30 9.94 -12.32
C ARG A 119 -14.91 10.54 -12.14
N ALA A 120 -14.82 11.56 -11.31
CA ALA A 120 -13.54 12.19 -11.02
C ALA A 120 -12.80 11.25 -10.07
N VAL A 121 -11.47 11.27 -10.12
CA VAL A 121 -10.68 10.40 -9.27
C VAL A 121 -9.65 11.18 -8.44
N ASN A 122 -9.61 10.89 -7.15
CA ASN A 122 -8.65 11.54 -6.25
C ASN A 122 -7.75 10.49 -5.63
N VAL A 123 -6.47 10.53 -5.96
CA VAL A 123 -5.52 9.58 -5.43
C VAL A 123 -4.72 10.15 -4.26
N LYS A 124 -4.79 9.51 -3.11
CA LYS A 124 -4.02 9.95 -1.95
C LYS A 124 -2.59 9.47 -2.23
N LYS A 125 -1.62 10.38 -2.15
CA LYS A 125 -0.24 10.00 -2.44
C LYS A 125 0.35 9.04 -1.42
N GLY A 126 0.85 7.90 -1.89
CA GLY A 126 1.44 6.92 -0.99
C GLY A 126 2.54 7.52 -0.13
N GLN A 127 2.62 7.09 1.13
CA GLN A 127 3.63 7.58 2.06
C GLN A 127 5.02 7.12 1.65
N PHE A 128 5.07 6.27 0.64
CA PHE A 128 6.31 5.72 0.12
C PHE A 128 6.72 6.34 -1.22
N LEU A 129 5.82 7.11 -1.81
CA LEU A 129 6.02 7.72 -3.11
C LEU A 129 6.68 9.09 -3.13
N ALA A 130 7.55 9.32 -4.11
CA ALA A 130 8.21 10.61 -4.26
C ALA A 130 7.26 11.45 -5.12
N PRO A 131 7.30 12.79 -4.95
CA PRO A 131 6.42 13.70 -5.71
C PRO A 131 6.41 13.45 -7.22
N TRP A 132 7.59 13.34 -7.81
CA TRP A 132 7.70 13.13 -9.24
C TRP A 132 7.20 11.76 -9.73
N ASP A 133 7.00 10.81 -8.81
CA ASP A 133 6.50 9.49 -9.19
C ASP A 133 4.98 9.44 -9.37
N THR A 134 4.29 10.55 -9.10
CA THR A 134 2.85 10.57 -9.27
C THR A 134 2.49 10.80 -10.73
N LYS A 135 3.49 11.17 -11.52
CA LYS A 135 3.28 11.41 -12.95
C LYS A 135 2.71 10.15 -13.59
N ASN A 136 3.32 9.00 -13.30
CA ASN A 136 2.83 7.73 -13.85
C ASN A 136 1.45 7.37 -13.33
N VAL A 137 1.13 7.81 -12.12
CA VAL A 137 -0.19 7.52 -11.55
C VAL A 137 -1.26 8.23 -12.37
N VAL A 138 -0.98 9.47 -12.75
CA VAL A 138 -1.91 10.25 -13.56
C VAL A 138 -1.97 9.63 -14.96
N GLU A 139 -0.83 9.17 -15.48
CA GLU A 139 -0.80 8.56 -16.79
C GLU A 139 -1.72 7.32 -16.81
N LYS A 140 -1.71 6.53 -15.74
CA LYS A 140 -2.56 5.34 -15.66
C LYS A 140 -4.03 5.73 -15.69
N LEU A 141 -4.38 6.76 -14.92
CA LEU A 141 -5.76 7.22 -14.86
C LEU A 141 -6.22 7.76 -16.22
N LYS A 142 -5.40 8.60 -16.84
CA LYS A 142 -5.78 9.15 -18.13
C LYS A 142 -5.95 8.04 -19.16
N PHE A 143 -5.10 7.02 -19.07
CA PHE A 143 -5.15 5.85 -19.95
C PHE A 143 -6.46 5.10 -19.71
N GLY A 144 -6.92 5.11 -18.46
CA GLY A 144 -8.15 4.42 -18.09
C GLY A 144 -9.43 5.22 -18.31
N GLY A 145 -9.31 6.43 -18.86
CA GLY A 145 -10.46 7.26 -19.13
C GLY A 145 -10.78 8.43 -18.21
N ALA A 146 -10.01 8.61 -17.14
CA ALA A 146 -10.27 9.71 -16.22
C ALA A 146 -9.99 11.06 -16.88
N LYS A 147 -10.89 12.01 -16.70
CA LYS A 147 -10.74 13.34 -17.28
C LYS A 147 -10.58 14.44 -16.22
N GLU A 148 -10.87 14.09 -14.97
CA GLU A 148 -10.75 15.01 -13.84
C GLU A 148 -9.97 14.24 -12.76
N ILE A 149 -8.70 14.58 -12.58
CA ILE A 149 -7.83 13.89 -11.65
C ILE A 149 -7.25 14.76 -10.55
N TYR A 150 -7.25 14.23 -9.32
CA TYR A 150 -6.68 14.93 -8.18
C TYR A 150 -5.63 14.08 -7.50
N LEU A 151 -4.59 14.74 -6.98
CA LEU A 151 -3.53 14.08 -6.24
C LEU A 151 -3.53 14.72 -4.84
N THR A 152 -3.60 13.90 -3.81
CA THR A 152 -3.64 14.45 -2.45
C THR A 152 -2.37 14.20 -1.63
N GLU A 153 -1.81 15.29 -1.13
CA GLU A 153 -0.62 15.22 -0.29
C GLU A 153 -1.09 14.83 1.11
N ARG A 154 -0.53 13.75 1.65
CA ARG A 154 -0.91 13.32 3.00
C ARG A 154 0.28 12.87 3.84
N GLY A 155 1.45 13.46 3.55
CA GLY A 155 2.65 13.14 4.29
C GLY A 155 3.50 12.04 3.72
N THR A 156 4.75 11.97 4.18
CA THR A 156 5.70 10.95 3.72
C THR A 156 6.39 10.25 4.90
N THR A 157 6.72 8.98 4.73
CA THR A 157 7.38 8.25 5.80
C THR A 157 8.68 8.94 6.20
N PHE A 158 8.78 9.30 7.48
CA PHE A 158 9.94 9.99 8.05
C PHE A 158 10.36 9.21 9.30
N GLY A 159 11.24 8.22 9.12
CA GLY A 159 11.64 7.39 10.24
C GLY A 159 10.43 6.54 10.60
N TYR A 160 10.39 5.99 11.81
CA TYR A 160 9.27 5.15 12.21
C TYR A 160 8.14 5.93 12.90
N ASN A 161 6.92 5.51 12.61
CA ASN A 161 5.71 6.09 13.20
C ASN A 161 5.62 7.61 13.13
N ASN A 162 6.08 8.19 12.04
CA ASN A 162 6.02 9.64 11.90
C ASN A 162 5.96 9.98 10.42
N LEU A 163 5.26 11.05 10.09
CA LEU A 163 5.15 11.52 8.71
C LEU A 163 5.56 12.98 8.66
N VAL A 164 6.21 13.36 7.56
CA VAL A 164 6.60 14.75 7.38
C VAL A 164 5.96 15.21 6.07
N VAL A 165 5.63 16.49 5.98
CA VAL A 165 5.05 17.00 4.76
C VAL A 165 6.14 17.80 4.04
N ASP A 166 6.50 17.36 2.84
CA ASP A 166 7.51 18.02 2.04
C ASP A 166 6.69 18.90 1.12
N PHE A 167 6.50 20.17 1.50
CA PHE A 167 5.68 21.08 0.70
C PHE A 167 6.19 21.37 -0.71
N ARG A 168 7.36 20.85 -1.05
CA ARG A 168 7.88 21.02 -2.41
C ARG A 168 7.02 20.15 -3.32
N SER A 169 6.32 19.20 -2.72
CA SER A 169 5.48 18.27 -3.48
C SER A 169 4.28 18.94 -4.15
N LEU A 170 3.75 20.01 -3.54
CA LEU A 170 2.61 20.70 -4.14
C LEU A 170 2.89 21.25 -5.54
N PRO A 171 3.95 22.07 -5.70
CA PRO A 171 4.19 22.57 -7.07
C PRO A 171 4.63 21.47 -8.03
N ILE A 172 5.31 20.45 -7.52
CA ILE A 172 5.77 19.36 -8.37
C ILE A 172 4.57 18.60 -8.94
N MET A 173 3.66 18.19 -8.06
CA MET A 173 2.47 17.46 -8.50
C MET A 173 1.53 18.31 -9.36
N LYS A 174 1.53 19.61 -9.13
CA LYS A 174 0.68 20.51 -9.90
C LYS A 174 0.96 20.45 -11.40
N GLN A 175 2.12 19.90 -11.76
CA GLN A 175 2.51 19.78 -13.17
C GLN A 175 1.60 18.84 -13.98
N TRP A 176 0.97 17.87 -13.31
CA TRP A 176 0.12 16.91 -14.03
C TRP A 176 -1.26 16.62 -13.44
N ALA A 177 -1.63 17.33 -12.38
CA ALA A 177 -2.93 17.13 -11.76
C ALA A 177 -3.28 18.24 -10.78
N LYS A 178 -4.54 18.30 -10.40
CA LYS A 178 -4.96 19.29 -9.42
C LYS A 178 -4.52 18.69 -8.09
N VAL A 179 -3.99 19.53 -7.21
CA VAL A 179 -3.49 19.06 -5.93
C VAL A 179 -4.33 19.45 -4.71
N ILE A 180 -4.53 18.47 -3.83
CA ILE A 180 -5.30 18.65 -2.62
C ILE A 180 -4.41 18.34 -1.42
N TYR A 181 -4.53 19.16 -0.38
CA TYR A 181 -3.75 18.92 0.83
C TYR A 181 -4.62 18.29 1.93
N ASP A 182 -4.17 17.15 2.44
CA ASP A 182 -4.89 16.45 3.51
C ASP A 182 -4.41 17.01 4.85
N ALA A 183 -5.20 17.92 5.42
CA ALA A 183 -4.83 18.57 6.68
C ALA A 183 -4.82 17.68 7.92
N THR A 184 -5.67 16.66 7.96
CA THR A 184 -5.74 15.80 9.13
C THR A 184 -4.88 14.54 9.14
N HIS A 185 -4.65 13.92 7.99
CA HIS A 185 -3.83 12.70 7.97
C HIS A 185 -2.34 12.98 7.91
N SER A 186 -1.97 14.20 7.54
CA SER A 186 -0.55 14.54 7.44
C SER A 186 0.10 14.78 8.80
N VAL A 187 -0.68 14.80 9.87
CA VAL A 187 -0.12 15.00 11.20
C VAL A 187 -0.33 13.77 12.08
N GLN A 188 -0.91 12.72 11.50
CA GLN A 188 -1.15 11.49 12.26
C GLN A 188 0.17 10.74 12.44
N LEU A 189 0.26 9.96 13.51
CA LEU A 189 1.46 9.18 13.80
C LEU A 189 1.13 7.71 13.53
N PRO A 190 1.51 7.19 12.34
CA PRO A 190 1.27 5.80 11.92
C PRO A 190 1.61 4.77 12.99
N GLY A 191 0.60 4.09 13.50
CA GLY A 191 0.79 3.07 14.53
C GLY A 191 1.31 3.61 15.85
N GLY A 192 1.25 4.94 16.02
CA GLY A 192 1.73 5.56 17.23
C GLY A 192 1.11 5.05 18.53
N LEU A 193 -0.22 4.92 18.55
CA LEU A 193 -0.93 4.45 19.73
C LEU A 193 -1.19 2.95 19.67
N GLY A 199 -1.54 10.98 16.57
CA GLY A 199 -1.78 12.20 15.81
C GLY A 199 -1.62 13.44 16.66
N MET A 200 -1.09 14.51 16.05
CA MET A 200 -0.87 15.76 16.75
C MET A 200 -1.76 16.89 16.19
N ARG A 201 -2.93 17.04 16.81
CA ARG A 201 -3.92 18.04 16.41
C ARG A 201 -3.44 19.49 16.42
N GLU A 202 -2.47 19.81 17.27
CA GLU A 202 -1.98 21.19 17.34
C GLU A 202 -1.26 21.64 16.08
N PHE A 203 -0.92 20.70 15.19
CA PHE A 203 -0.23 21.08 13.96
C PHE A 203 -1.13 21.14 12.74
N ILE A 204 -2.39 20.73 12.89
CA ILE A 204 -3.30 20.74 11.75
C ILE A 204 -3.42 22.15 11.16
N PHE A 205 -3.79 23.11 12.00
CA PHE A 205 -3.99 24.47 11.51
C PHE A 205 -2.74 25.10 10.90
N PRO A 206 -1.59 25.07 11.61
CA PRO A 206 -0.43 25.69 10.97
C PRO A 206 -0.02 25.07 9.63
N LEU A 207 -0.07 23.75 9.53
CA LEU A 207 0.31 23.13 8.26
C LEU A 207 -0.67 23.48 7.14
N ILE A 208 -1.93 23.72 7.50
CA ILE A 208 -2.94 24.10 6.50
C ILE A 208 -2.61 25.50 5.99
N ARG A 209 -2.17 26.37 6.88
CA ARG A 209 -1.81 27.72 6.46
C ARG A 209 -0.66 27.62 5.45
N ALA A 210 0.30 26.76 5.77
CA ALA A 210 1.45 26.55 4.88
C ALA A 210 0.99 26.07 3.51
N ALA A 211 0.13 25.07 3.49
CA ALA A 211 -0.36 24.52 2.23
C ALA A 211 -0.97 25.59 1.33
N VAL A 212 -1.84 26.43 1.86
CA VAL A 212 -2.46 27.45 1.04
C VAL A 212 -1.52 28.60 0.67
N ALA A 213 -0.52 28.88 1.49
CA ALA A 213 0.43 29.96 1.18
C ALA A 213 1.33 29.44 0.04
N VAL A 214 1.63 28.16 0.06
CA VAL A 214 2.44 27.54 -1.00
C VAL A 214 1.58 27.56 -2.25
N GLY A 215 0.36 27.02 -2.12
CA GLY A 215 -0.55 26.98 -3.23
C GLY A 215 -1.04 25.58 -3.59
N CYS A 216 -2.34 25.36 -3.43
CA CYS A 216 -2.95 24.08 -3.76
C CYS A 216 -4.36 24.38 -4.29
N ASP A 217 -5.00 23.39 -4.87
CA ASP A 217 -6.33 23.58 -5.44
C ASP A 217 -7.45 23.25 -4.48
N GLY A 218 -7.10 22.74 -3.31
CA GLY A 218 -8.11 22.39 -2.32
C GLY A 218 -7.54 21.74 -1.08
N VAL A 219 -8.38 21.56 -0.07
CA VAL A 219 -7.95 20.95 1.16
C VAL A 219 -8.91 19.84 1.53
N PHE A 220 -8.38 18.83 2.21
CA PHE A 220 -9.13 17.66 2.64
C PHE A 220 -9.07 17.67 4.16
N MET A 221 -10.23 17.67 4.81
CA MET A 221 -10.29 17.70 6.26
C MET A 221 -11.35 16.76 6.82
N GLU A 222 -10.94 15.91 7.76
CA GLU A 222 -11.89 15.02 8.38
C GLU A 222 -12.42 15.81 9.57
N THR A 223 -13.72 15.76 9.78
CA THR A 223 -14.34 16.50 10.86
C THR A 223 -15.45 15.68 11.49
N HIS A 224 -15.59 15.81 12.81
CA HIS A 224 -16.60 15.07 13.56
C HIS A 224 -17.11 15.96 14.69
N PRO A 225 -18.41 15.85 15.02
CA PRO A 225 -18.96 16.69 16.09
C PRO A 225 -18.17 16.56 17.41
N GLU A 226 -17.75 15.34 17.73
CA GLU A 226 -17.00 15.09 18.95
C GLU A 226 -15.86 14.11 18.66
N PRO A 227 -14.76 14.61 18.09
CA PRO A 227 -13.60 13.78 17.76
C PRO A 227 -13.21 12.74 18.82
N GLU A 228 -13.31 13.14 20.09
CA GLU A 228 -12.96 12.25 21.19
C GLU A 228 -13.78 10.96 21.20
N LYS A 229 -14.94 11.00 20.55
CA LYS A 229 -15.81 9.82 20.51
C LYS A 229 -15.85 9.11 19.17
N ALA A 230 -15.01 9.55 18.23
CA ALA A 230 -14.97 8.92 16.90
C ALA A 230 -14.52 7.47 16.99
N LEU A 231 -14.91 6.67 16.01
CA LEU A 231 -14.54 5.27 15.98
C LEU A 231 -13.24 5.08 15.20
N SER A 232 -12.76 6.16 14.60
CA SER A 232 -11.53 6.15 13.83
C SER A 232 -10.92 7.56 13.82
N ASP A 233 -9.59 7.63 13.83
CA ASP A 233 -8.88 8.90 13.82
C ASP A 233 -9.42 9.89 14.87
N ALA A 234 -9.59 9.42 16.10
CA ALA A 234 -10.10 10.28 17.16
C ALA A 234 -9.10 11.35 17.55
N SER A 235 -7.84 11.15 17.20
CA SER A 235 -6.78 12.09 17.52
C SER A 235 -6.52 13.13 16.42
N THR A 236 -7.04 12.89 15.22
CA THR A 236 -6.81 13.82 14.11
C THR A 236 -8.05 14.54 13.58
N GLN A 237 -9.23 13.96 13.75
CA GLN A 237 -10.45 14.61 13.25
C GLN A 237 -10.71 15.96 13.90
N LEU A 238 -11.03 16.95 13.08
CA LEU A 238 -11.31 18.30 13.56
C LEU A 238 -12.74 18.44 14.07
N PRO A 239 -12.91 19.08 15.25
CA PRO A 239 -14.26 19.26 15.77
C PRO A 239 -15.03 20.07 14.74
N LEU A 240 -16.27 19.67 14.49
CA LEU A 240 -17.11 20.34 13.49
C LEU A 240 -17.30 21.84 13.76
N SER A 241 -17.23 22.23 15.03
CA SER A 241 -17.43 23.64 15.39
C SER A 241 -16.29 24.53 14.92
N GLN A 242 -15.13 23.94 14.69
CA GLN A 242 -13.95 24.68 14.25
C GLN A 242 -13.81 24.78 12.74
N LEU A 243 -14.62 24.04 11.99
CA LEU A 243 -14.51 24.04 10.53
C LEU A 243 -14.69 25.40 9.86
N GLU A 244 -15.72 26.14 10.25
CA GLU A 244 -15.99 27.44 9.66
C GLU A 244 -14.79 28.38 9.75
N GLY A 245 -14.21 28.48 10.95
CA GLY A 245 -13.06 29.37 11.15
C GLY A 245 -11.85 28.95 10.34
N ILE A 246 -11.60 27.66 10.24
CA ILE A 246 -10.46 27.17 9.48
C ILE A 246 -10.60 27.52 8.00
N ILE A 247 -11.79 27.29 7.46
CA ILE A 247 -12.06 27.60 6.06
C ILE A 247 -11.93 29.08 5.79
N GLU A 248 -12.49 29.90 6.67
CA GLU A 248 -12.38 31.35 6.51
C GLU A 248 -10.91 31.75 6.49
N ALA A 249 -10.12 31.16 7.39
CA ALA A 249 -8.71 31.46 7.47
C ALA A 249 -7.95 31.08 6.20
N ILE A 250 -8.22 29.92 5.64
CA ILE A 250 -7.47 29.56 4.44
C ILE A 250 -7.86 30.37 3.22
N LEU A 251 -9.12 30.81 3.14
CA LEU A 251 -9.54 31.61 2.00
C LEU A 251 -8.81 32.95 2.07
N GLU A 252 -8.70 33.50 3.27
CA GLU A 252 -8.01 34.78 3.48
C GLU A 252 -6.53 34.68 3.11
N ILE A 253 -5.87 33.62 3.59
CA ILE A 253 -4.46 33.43 3.32
C ILE A 253 -4.24 33.13 1.85
N ARG A 254 -5.13 32.33 1.27
CA ARG A 254 -5.05 31.98 -0.14
C ARG A 254 -5.18 33.24 -1.00
N GLU A 255 -6.12 34.12 -0.62
CA GLU A 255 -6.33 35.34 -1.38
C GLU A 255 -5.09 36.22 -1.42
N VAL A 256 -4.53 36.51 -0.25
CA VAL A 256 -3.35 37.37 -0.17
C VAL A 256 -2.10 36.74 -0.78
N ALA A 257 -1.97 35.43 -0.71
CA ALA A 257 -0.81 34.75 -1.29
C ALA A 257 -0.97 34.51 -2.78
N SER A 258 -2.22 34.37 -3.22
CA SER A 258 -2.54 34.05 -4.61
C SER A 258 -1.78 34.75 -5.73
N LYS A 259 -1.54 36.06 -5.60
CA LYS A 259 -0.83 36.79 -6.66
C LYS A 259 0.61 36.31 -6.84
N TYR A 260 1.12 35.55 -5.88
CA TYR A 260 2.49 35.06 -5.94
C TYR A 260 2.64 33.61 -6.35
N TYR A 261 1.52 32.93 -6.56
CA TYR A 261 1.56 31.52 -6.97
C TYR A 261 2.32 31.44 -8.30
N GLU A 262 3.29 30.53 -8.40
CA GLU A 262 4.06 30.37 -9.63
C GLU A 262 3.23 29.63 -10.69
N THR A 263 3.51 29.91 -11.96
CA THR A 263 2.79 29.25 -13.04
C THR A 263 3.51 27.98 -13.45
N ILE A 264 2.77 26.87 -13.51
CA ILE A 264 3.34 25.57 -13.88
C ILE A 264 3.63 25.43 -15.38
N LYS B 3 13.81 -26.16 9.31
CA LYS B 3 15.12 -25.92 8.62
C LYS B 3 15.09 -24.61 7.85
N PHE B 4 16.28 -24.17 7.42
CA PHE B 4 16.39 -22.91 6.68
C PHE B 4 15.57 -22.93 5.40
N LEU B 5 14.84 -21.85 5.18
CA LEU B 5 13.98 -21.70 4.01
C LEU B 5 14.64 -20.86 2.93
N VAL B 6 14.53 -21.30 1.68
CA VAL B 6 15.06 -20.55 0.56
C VAL B 6 13.95 -20.47 -0.49
N ILE B 7 13.43 -19.26 -0.65
CA ILE B 7 12.37 -18.99 -1.61
C ILE B 7 13.02 -18.34 -2.79
N ALA B 8 12.93 -18.98 -3.96
CA ALA B 8 13.56 -18.45 -5.16
C ALA B 8 12.83 -18.79 -6.44
N GLY B 9 13.08 -17.98 -7.47
CA GLY B 9 12.45 -18.18 -8.76
C GLY B 9 12.44 -16.88 -9.54
N PRO B 10 11.88 -16.87 -10.76
CA PRO B 10 11.85 -15.64 -11.55
C PRO B 10 10.78 -14.68 -11.03
N CYS B 11 11.05 -13.37 -11.13
CA CYS B 11 10.10 -12.35 -10.67
C CYS B 11 8.70 -12.54 -11.23
N ALA B 12 8.61 -12.58 -12.55
CA ALA B 12 7.33 -12.73 -13.23
C ALA B 12 7.29 -13.99 -14.09
N ILE B 13 6.10 -14.58 -14.22
CA ILE B 13 5.92 -15.76 -15.03
C ILE B 13 5.92 -15.32 -16.50
N GLU B 14 7.12 -15.17 -17.04
CA GLU B 14 7.28 -14.73 -18.43
C GLU B 14 6.81 -15.80 -19.42
N SER B 15 6.72 -17.04 -18.93
CA SER B 15 6.29 -18.19 -19.72
C SER B 15 6.55 -19.44 -18.91
N GLU B 16 5.67 -20.44 -19.01
CA GLU B 16 5.87 -21.66 -18.25
C GLU B 16 7.21 -22.26 -18.62
N GLU B 17 7.70 -21.89 -19.79
CA GLU B 17 9.00 -22.36 -20.27
C GLU B 17 10.09 -21.90 -19.30
N LEU B 18 10.12 -20.59 -19.04
CA LEU B 18 11.09 -20.00 -18.13
C LEU B 18 11.01 -20.63 -16.74
N LEU B 19 9.79 -20.84 -16.25
CA LEU B 19 9.58 -21.43 -14.94
C LEU B 19 10.15 -22.84 -14.85
N LEU B 20 10.02 -23.61 -15.94
CA LEU B 20 10.52 -24.97 -15.94
C LEU B 20 12.04 -25.01 -15.91
N LYS B 21 12.68 -24.07 -16.61
CA LYS B 21 14.13 -24.01 -16.64
C LYS B 21 14.66 -23.70 -15.24
N VAL B 22 14.13 -22.65 -14.63
CA VAL B 22 14.55 -22.27 -13.28
C VAL B 22 14.18 -23.39 -12.31
N GLY B 23 13.01 -23.97 -12.50
CA GLY B 23 12.56 -25.05 -11.64
C GLY B 23 13.55 -26.20 -11.61
N GLU B 24 14.18 -26.45 -12.76
CA GLU B 24 15.16 -27.51 -12.89
C GLU B 24 16.36 -27.25 -11.97
N GLU B 25 16.91 -26.04 -12.06
CA GLU B 25 18.06 -25.66 -11.24
C GLU B 25 17.71 -25.69 -9.76
N ILE B 26 16.55 -25.14 -9.41
CA ILE B 26 16.13 -25.14 -8.02
C ILE B 26 15.95 -26.57 -7.53
N LYS B 27 15.47 -27.44 -8.43
CA LYS B 27 15.28 -28.83 -8.08
C LYS B 27 16.65 -29.47 -7.78
N ARG B 28 17.64 -29.13 -8.59
CA ARG B 28 18.99 -29.65 -8.42
C ARG B 28 19.57 -29.22 -7.06
N LEU B 29 19.49 -27.92 -6.77
CA LEU B 29 20.00 -27.42 -5.49
C LEU B 29 19.27 -28.15 -4.36
N SER B 30 17.98 -28.33 -4.54
CA SER B 30 17.15 -29.00 -3.56
C SER B 30 17.74 -30.36 -3.20
N GLU B 31 18.26 -31.06 -4.21
CA GLU B 31 18.86 -32.38 -4.01
C GLU B 31 20.23 -32.25 -3.36
N LYS B 32 20.92 -31.17 -3.66
CA LYS B 32 22.25 -30.92 -3.12
C LYS B 32 22.28 -30.39 -1.69
N PHE B 33 21.27 -29.61 -1.31
CA PHE B 33 21.21 -29.05 0.04
C PHE B 33 19.97 -29.54 0.78
N LYS B 34 20.05 -30.74 1.34
CA LYS B 34 18.94 -31.34 2.07
C LYS B 34 18.59 -30.59 3.36
N GLU B 35 19.50 -29.73 3.80
CA GLU B 35 19.30 -28.97 5.03
C GLU B 35 18.53 -27.69 4.72
N VAL B 36 18.00 -27.60 3.51
CA VAL B 36 17.27 -26.41 3.08
C VAL B 36 15.94 -26.76 2.43
N GLU B 37 14.88 -26.04 2.83
CA GLU B 37 13.56 -26.25 2.27
C GLU B 37 13.40 -25.19 1.17
N PHE B 38 13.44 -25.62 -0.08
CA PHE B 38 13.28 -24.70 -1.19
C PHE B 38 11.82 -24.49 -1.58
N VAL B 39 11.47 -23.25 -1.90
CA VAL B 39 10.12 -22.92 -2.33
C VAL B 39 10.22 -22.15 -3.64
N PHE B 40 9.56 -22.64 -4.68
CA PHE B 40 9.59 -21.99 -5.99
C PHE B 40 8.62 -20.80 -5.98
N LYS B 41 9.12 -19.64 -6.36
CA LYS B 41 8.29 -18.44 -6.37
C LYS B 41 8.27 -17.73 -7.72
N SER B 42 7.11 -17.19 -8.07
CA SER B 42 6.95 -16.43 -9.30
C SER B 42 5.56 -15.81 -9.29
N SER B 43 5.46 -14.59 -9.82
CA SER B 43 4.21 -13.85 -9.85
C SER B 43 3.42 -13.97 -11.15
N PHE B 44 2.14 -14.30 -11.04
CA PHE B 44 1.31 -14.42 -12.23
C PHE B 44 0.92 -13.02 -12.71
N ASP B 45 1.05 -12.04 -11.83
CA ASP B 45 0.72 -10.66 -12.20
C ASP B 45 1.50 -9.61 -11.41
N LYS B 46 2.06 -8.64 -12.14
CA LYS B 46 2.76 -7.55 -11.49
C LYS B 46 1.67 -6.47 -11.46
N ALA B 47 0.86 -6.51 -10.40
CA ALA B 47 -0.27 -5.61 -10.23
C ALA B 47 0.07 -4.18 -9.81
N ASN B 48 1.34 -3.89 -9.56
CA ASN B 48 1.72 -2.58 -9.08
C ASN B 48 2.86 -1.87 -9.82
N ARG B 49 3.05 -2.19 -11.09
CA ARG B 49 4.13 -1.55 -11.86
C ARG B 49 3.90 -0.03 -11.81
N SER B 50 4.97 0.75 -11.89
CA SER B 50 4.83 2.21 -11.87
C SER B 50 4.16 2.70 -13.15
N SER B 51 4.55 2.11 -14.28
CA SER B 51 4.01 2.50 -15.57
C SER B 51 2.92 1.58 -16.12
N ILE B 52 1.92 2.20 -16.74
CA ILE B 52 0.82 1.45 -17.34
C ILE B 52 1.36 0.69 -18.55
N HIS B 53 2.49 1.15 -19.09
CA HIS B 53 3.08 0.51 -20.26
C HIS B 53 4.14 -0.55 -19.95
N SER B 54 4.10 -1.11 -18.75
CA SER B 54 5.05 -2.14 -18.34
C SER B 54 4.40 -3.52 -18.37
N PHE B 55 5.23 -4.55 -18.45
CA PHE B 55 4.77 -5.94 -18.48
C PHE B 55 4.11 -6.35 -17.16
N ARG B 56 2.91 -6.90 -17.24
CA ARG B 56 2.20 -7.35 -16.04
C ARG B 56 2.23 -8.88 -15.94
N GLY B 57 1.95 -9.54 -17.05
CA GLY B 57 1.95 -11.00 -17.06
C GLY B 57 0.94 -11.60 -18.02
N HIS B 58 0.65 -12.89 -17.86
CA HIS B 58 -0.28 -13.59 -18.73
C HIS B 58 -1.60 -13.95 -18.07
N GLY B 59 -1.86 -13.41 -16.89
CA GLY B 59 -3.12 -13.71 -16.22
C GLY B 59 -3.01 -14.78 -15.14
N LEU B 60 -3.99 -14.81 -14.25
CA LEU B 60 -4.01 -15.77 -13.15
C LEU B 60 -4.10 -17.25 -13.56
N GLU B 61 -4.92 -17.56 -14.56
CA GLU B 61 -5.06 -18.95 -14.98
C GLU B 61 -3.81 -19.49 -15.67
N TYR B 62 -3.23 -18.70 -16.56
CA TYR B 62 -2.02 -19.13 -17.25
C TYR B 62 -0.91 -19.32 -16.21
N GLY B 63 -0.93 -18.47 -15.18
CA GLY B 63 0.08 -18.53 -14.14
C GLY B 63 -0.09 -19.71 -13.20
N VAL B 64 -1.30 -19.90 -12.68
CA VAL B 64 -1.58 -21.01 -11.77
C VAL B 64 -1.32 -22.33 -12.49
N LYS B 65 -1.48 -22.29 -13.81
CA LYS B 65 -1.27 -23.46 -14.66
C LYS B 65 0.21 -23.81 -14.69
N ALA B 66 1.03 -22.84 -15.07
CA ALA B 66 2.48 -23.04 -15.14
C ALA B 66 3.07 -23.43 -13.80
N LEU B 67 2.54 -22.86 -12.72
CA LEU B 67 3.03 -23.17 -11.38
C LEU B 67 2.66 -24.60 -11.01
N ARG B 68 1.55 -25.07 -11.56
CA ARG B 68 1.10 -26.44 -11.31
C ARG B 68 2.11 -27.35 -11.99
N LYS B 69 2.53 -26.96 -13.18
CA LYS B 69 3.49 -27.73 -13.97
C LYS B 69 4.83 -27.89 -13.25
N VAL B 70 5.25 -26.85 -12.54
CA VAL B 70 6.51 -26.89 -11.80
C VAL B 70 6.40 -27.83 -10.61
N LYS B 71 5.32 -27.69 -9.85
CA LYS B 71 5.11 -28.54 -8.69
C LYS B 71 4.96 -30.02 -9.06
N GLU B 72 4.41 -30.28 -10.24
CA GLU B 72 4.21 -31.65 -10.69
C GLU B 72 5.44 -32.24 -11.39
N GLU B 73 6.21 -31.40 -12.05
CA GLU B 73 7.38 -31.88 -12.75
C GLU B 73 8.62 -31.96 -11.86
N PHE B 74 8.63 -31.21 -10.75
CA PHE B 74 9.79 -31.22 -9.86
C PHE B 74 9.44 -31.51 -8.40
N GLY B 75 8.16 -31.55 -8.07
CA GLY B 75 7.76 -31.81 -6.70
C GLY B 75 8.20 -30.73 -5.73
N LEU B 76 8.22 -29.49 -6.21
CA LEU B 76 8.63 -28.35 -5.39
C LEU B 76 7.43 -27.62 -4.80
N LYS B 77 7.60 -27.06 -3.61
CA LYS B 77 6.52 -26.30 -3.00
C LYS B 77 6.40 -25.03 -3.85
N ILE B 78 5.24 -24.38 -3.81
CA ILE B 78 5.03 -23.19 -4.62
C ILE B 78 4.55 -21.99 -3.80
N THR B 79 4.86 -20.80 -4.28
CA THR B 79 4.40 -19.58 -3.63
C THR B 79 4.26 -18.49 -4.68
N THR B 80 3.20 -17.71 -4.56
CA THR B 80 2.97 -16.61 -5.48
C THR B 80 2.14 -15.63 -4.70
N ASP B 81 2.05 -14.39 -5.18
CA ASP B 81 1.29 -13.38 -4.48
C ASP B 81 -0.08 -13.05 -5.06
N ILE B 82 -1.00 -12.67 -4.19
CA ILE B 82 -2.35 -12.30 -4.59
C ILE B 82 -2.48 -10.79 -4.42
N HIS B 83 -3.43 -10.18 -5.14
CA HIS B 83 -3.61 -8.74 -5.07
C HIS B 83 -5.01 -8.29 -4.68
N GLU B 84 -5.96 -9.21 -4.74
CA GLU B 84 -7.33 -8.94 -4.33
C GLU B 84 -7.88 -10.22 -3.72
N SER B 85 -8.80 -10.06 -2.77
CA SER B 85 -9.41 -11.16 -2.04
C SER B 85 -9.87 -12.36 -2.86
N TRP B 86 -10.53 -12.11 -3.99
CA TRP B 86 -11.04 -13.20 -4.82
C TRP B 86 -9.99 -14.16 -5.36
N GLN B 87 -8.73 -13.74 -5.37
CA GLN B 87 -7.67 -14.58 -5.91
C GLN B 87 -7.14 -15.64 -4.96
N ALA B 88 -7.35 -15.45 -3.65
CA ALA B 88 -6.85 -16.39 -2.66
C ALA B 88 -7.22 -17.85 -2.92
N GLU B 89 -8.53 -18.09 -3.10
CA GLU B 89 -9.04 -19.44 -3.32
C GLU B 89 -8.42 -20.16 -4.53
N PRO B 90 -8.54 -19.58 -5.74
CA PRO B 90 -7.96 -20.26 -6.90
C PRO B 90 -6.45 -20.46 -6.81
N VAL B 91 -5.75 -19.49 -6.22
CA VAL B 91 -4.31 -19.57 -6.06
C VAL B 91 -3.92 -20.62 -5.02
N ALA B 92 -4.72 -20.74 -3.97
CA ALA B 92 -4.44 -21.71 -2.91
C ALA B 92 -4.43 -23.16 -3.43
N GLU B 93 -4.95 -23.36 -4.64
CA GLU B 93 -5.00 -24.69 -5.24
C GLU B 93 -3.60 -25.23 -5.53
N VAL B 94 -2.68 -24.33 -5.91
CA VAL B 94 -1.31 -24.71 -6.24
C VAL B 94 -0.27 -24.15 -5.28
N ALA B 95 -0.54 -22.96 -4.74
CA ALA B 95 0.41 -22.31 -3.84
C ALA B 95 0.43 -22.85 -2.42
N ASP B 96 1.61 -23.28 -1.98
CA ASP B 96 1.78 -23.79 -0.62
C ASP B 96 1.82 -22.61 0.34
N ILE B 97 2.38 -21.51 -0.13
CA ILE B 97 2.47 -20.30 0.66
C ILE B 97 1.93 -19.15 -0.17
N ILE B 98 0.95 -18.43 0.38
CA ILE B 98 0.38 -17.29 -0.34
C ILE B 98 1.12 -16.05 0.13
N GLN B 99 1.64 -15.30 -0.82
CA GLN B 99 2.38 -14.07 -0.52
C GLN B 99 1.51 -12.83 -0.59
N ILE B 100 1.65 -11.94 0.39
CA ILE B 100 0.89 -10.69 0.44
C ILE B 100 1.87 -9.56 0.09
N PRO B 101 1.56 -8.78 -0.97
CA PRO B 101 2.43 -7.67 -1.42
C PRO B 101 2.71 -6.65 -0.31
N ALA B 102 3.88 -6.02 -0.37
CA ALA B 102 4.27 -5.03 0.62
C ALA B 102 3.27 -3.86 0.75
N PHE B 103 2.82 -3.31 -0.38
CA PHE B 103 1.86 -2.21 -0.31
C PHE B 103 0.52 -2.64 0.29
N LEU B 104 0.23 -3.94 0.22
CA LEU B 104 -1.03 -4.48 0.69
C LEU B 104 -1.00 -5.18 2.05
N CYS B 105 0.10 -5.01 2.79
CA CYS B 105 0.23 -5.66 4.10
C CYS B 105 -0.76 -5.20 5.17
N ARG B 106 -1.50 -4.13 4.90
CA ARG B 106 -2.48 -3.64 5.85
C ARG B 106 -3.91 -3.88 5.39
N GLN B 107 -4.08 -4.47 4.21
CA GLN B 107 -5.42 -4.72 3.69
C GLN B 107 -6.02 -5.94 4.39
N THR B 108 -6.83 -5.67 5.40
CA THR B 108 -7.46 -6.71 6.20
C THR B 108 -8.12 -7.85 5.42
N ASP B 109 -8.98 -7.52 4.46
CA ASP B 109 -9.67 -8.56 3.69
C ASP B 109 -8.74 -9.47 2.90
N LEU B 110 -7.62 -8.93 2.44
CA LEU B 110 -6.66 -9.72 1.67
C LEU B 110 -5.98 -10.72 2.61
N LEU B 111 -5.61 -10.25 3.80
CA LEU B 111 -4.96 -11.10 4.79
C LEU B 111 -5.92 -12.20 5.24
N LEU B 112 -7.18 -11.83 5.46
CA LEU B 112 -8.19 -12.78 5.89
C LEU B 112 -8.49 -13.80 4.79
N ALA B 113 -8.57 -13.33 3.55
CA ALA B 113 -8.85 -14.21 2.42
C ALA B 113 -7.74 -15.24 2.28
N ALA B 114 -6.50 -14.81 2.53
CA ALA B 114 -5.35 -15.71 2.43
C ALA B 114 -5.40 -16.75 3.54
N ALA B 115 -5.57 -16.29 4.78
CA ALA B 115 -5.65 -17.19 5.93
C ALA B 115 -6.78 -18.20 5.79
N LYS B 116 -7.87 -17.77 5.17
CA LYS B 116 -9.06 -18.61 4.98
C LYS B 116 -8.79 -19.89 4.17
N THR B 117 -7.84 -19.81 3.25
CA THR B 117 -7.50 -20.96 2.41
C THR B 117 -6.82 -22.09 3.19
N GLY B 118 -6.29 -21.78 4.37
CA GLY B 118 -5.63 -22.79 5.18
C GLY B 118 -4.15 -22.96 4.87
N ARG B 119 -3.68 -22.29 3.82
CA ARG B 119 -2.28 -22.35 3.40
C ARG B 119 -1.42 -21.47 4.29
N ALA B 120 -0.11 -21.56 4.12
CA ALA B 120 0.82 -20.72 4.88
C ALA B 120 0.73 -19.33 4.25
N VAL B 121 1.05 -18.29 5.02
CA VAL B 121 0.99 -16.93 4.52
C VAL B 121 2.27 -16.14 4.78
N ASN B 122 2.81 -15.52 3.73
CA ASN B 122 4.03 -14.72 3.84
C ASN B 122 3.71 -13.26 3.55
N VAL B 123 3.85 -12.39 4.55
CA VAL B 123 3.54 -10.99 4.35
C VAL B 123 4.79 -10.12 4.15
N LYS B 124 4.90 -9.48 2.99
CA LYS B 124 6.02 -8.59 2.73
C LYS B 124 5.78 -7.35 3.59
N LYS B 125 6.74 -6.97 4.43
CA LYS B 125 6.59 -5.80 5.30
C LYS B 125 6.58 -4.51 4.48
N GLY B 126 5.51 -3.73 4.61
CA GLY B 126 5.40 -2.48 3.87
C GLY B 126 6.58 -1.56 4.15
N GLN B 127 6.97 -0.78 3.15
CA GLN B 127 8.09 0.15 3.29
C GLN B 127 7.75 1.29 4.25
N PHE B 128 6.49 1.34 4.66
CA PHE B 128 5.97 2.39 5.55
C PHE B 128 5.79 1.90 6.98
N LEU B 129 5.95 0.59 7.17
CA LEU B 129 5.76 -0.05 8.47
C LEU B 129 6.99 -0.15 9.36
N ALA B 130 6.79 0.09 10.66
CA ALA B 130 7.88 -0.03 11.63
C ALA B 130 7.88 -1.51 12.02
N PRO B 131 9.03 -2.06 12.43
CA PRO B 131 9.10 -3.48 12.82
C PRO B 131 8.03 -3.92 13.81
N TRP B 132 7.83 -3.14 14.87
CA TRP B 132 6.84 -3.49 15.87
C TRP B 132 5.40 -3.43 15.35
N ASP B 133 5.16 -2.71 14.25
CA ASP B 133 3.81 -2.61 13.70
C ASP B 133 3.37 -3.92 13.05
N THR B 134 4.28 -4.88 12.91
CA THR B 134 3.94 -6.16 12.29
C THR B 134 3.22 -7.09 13.25
N LYS B 135 3.27 -6.79 14.54
CA LYS B 135 2.59 -7.63 15.52
C LYS B 135 1.11 -7.68 15.18
N ASN B 136 0.56 -6.53 14.77
CA ASN B 136 -0.85 -6.45 14.39
C ASN B 136 -1.15 -7.18 13.09
N VAL B 137 -0.18 -7.27 12.19
CA VAL B 137 -0.40 -7.97 10.93
C VAL B 137 -0.59 -9.45 11.21
N VAL B 138 0.23 -9.97 12.13
CA VAL B 138 0.17 -11.38 12.51
C VAL B 138 -1.15 -11.68 13.21
N GLU B 139 -1.55 -10.82 14.14
CA GLU B 139 -2.80 -11.01 14.87
C GLU B 139 -3.96 -11.19 13.91
N LYS B 140 -4.02 -10.39 12.85
CA LYS B 140 -5.09 -10.51 11.87
C LYS B 140 -5.07 -11.90 11.27
N LEU B 141 -3.89 -12.32 10.83
CA LEU B 141 -3.74 -13.64 10.22
C LEU B 141 -4.17 -14.75 11.16
N LYS B 142 -3.77 -14.66 12.42
CA LYS B 142 -4.15 -15.68 13.39
C LYS B 142 -5.67 -15.69 13.52
N PHE B 143 -6.26 -14.50 13.62
CA PHE B 143 -7.70 -14.37 13.74
C PHE B 143 -8.38 -15.02 12.54
N GLY B 144 -7.73 -14.93 11.39
CA GLY B 144 -8.28 -15.50 10.17
C GLY B 144 -8.04 -16.99 10.02
N GLY B 145 -7.38 -17.60 11.01
CA GLY B 145 -7.13 -19.03 10.96
C GLY B 145 -5.78 -19.48 10.45
N ALA B 146 -4.89 -18.53 10.18
CA ALA B 146 -3.56 -18.87 9.68
C ALA B 146 -2.71 -19.45 10.81
N LYS B 147 -1.86 -20.42 10.48
CA LYS B 147 -0.98 -21.04 11.46
C LYS B 147 0.50 -20.87 11.12
N GLU B 148 0.83 -21.06 9.84
CA GLU B 148 2.21 -20.91 9.38
C GLU B 148 2.33 -19.49 8.81
N ILE B 149 2.82 -18.56 9.63
CA ILE B 149 2.95 -17.16 9.24
C ILE B 149 4.38 -16.66 9.09
N TYR B 150 4.65 -15.98 7.98
CA TYR B 150 5.99 -15.43 7.73
C TYR B 150 5.95 -13.92 7.48
N LEU B 151 6.97 -13.23 7.95
CA LEU B 151 7.11 -11.78 7.74
C LEU B 151 8.42 -11.60 6.99
N THR B 152 8.36 -10.90 5.85
CA THR B 152 9.55 -10.70 5.04
C THR B 152 10.08 -9.26 5.09
N GLU B 153 11.37 -9.15 5.35
CA GLU B 153 12.04 -7.86 5.40
C GLU B 153 12.40 -7.49 3.96
N ARG B 154 11.94 -6.33 3.50
CA ARG B 154 12.26 -5.91 2.13
C ARG B 154 12.66 -4.44 2.04
N GLY B 155 13.15 -3.89 3.15
CA GLY B 155 13.59 -2.50 3.14
C GLY B 155 12.53 -1.54 3.66
N THR B 156 12.99 -0.35 4.03
CA THR B 156 12.09 0.68 4.55
C THR B 156 12.36 2.00 3.83
N THR B 157 11.31 2.79 3.63
CA THR B 157 11.45 4.07 2.96
C THR B 157 12.51 4.93 3.63
N PHE B 158 13.48 5.37 2.84
CA PHE B 158 14.58 6.20 3.33
C PHE B 158 14.76 7.37 2.36
N GLY B 159 14.01 8.44 2.59
CA GLY B 159 14.08 9.57 1.70
C GLY B 159 13.30 9.18 0.45
N TYR B 160 13.65 9.75 -0.70
CA TYR B 160 12.96 9.40 -1.93
C TYR B 160 13.74 8.41 -2.78
N ASN B 161 13.02 7.51 -3.43
CA ASN B 161 13.61 6.53 -4.34
C ASN B 161 14.76 5.74 -3.75
N ASN B 162 14.65 5.39 -2.48
CA ASN B 162 15.71 4.62 -1.83
C ASN B 162 15.15 3.86 -0.66
N LEU B 163 15.70 2.68 -0.44
CA LEU B 163 15.28 1.85 0.68
C LEU B 163 16.51 1.50 1.50
N VAL B 164 16.33 1.38 2.81
CA VAL B 164 17.42 1.00 3.70
C VAL B 164 16.95 -0.24 4.49
N VAL B 165 17.89 -1.13 4.80
CA VAL B 165 17.54 -2.32 5.58
C VAL B 165 17.97 -2.04 7.01
N ASP B 166 16.99 -1.95 7.91
CA ASP B 166 17.30 -1.76 9.31
C ASP B 166 17.29 -3.17 9.86
N PHE B 167 18.46 -3.79 9.98
CA PHE B 167 18.53 -5.17 10.46
C PHE B 167 18.05 -5.38 11.90
N ARG B 168 17.71 -4.29 12.58
CA ARG B 168 17.16 -4.42 13.93
C ARG B 168 15.79 -5.10 13.78
N SER B 169 15.21 -5.00 12.58
CA SER B 169 13.89 -5.57 12.30
C SER B 169 13.81 -7.09 12.40
N LEU B 170 14.88 -7.80 12.06
CA LEU B 170 14.86 -9.25 12.13
C LEU B 170 14.57 -9.77 13.55
N PRO B 171 15.37 -9.35 14.54
CA PRO B 171 15.09 -9.83 15.90
C PRO B 171 13.75 -9.36 16.47
N ILE B 172 13.33 -8.16 16.11
CA ILE B 172 12.06 -7.64 16.57
C ILE B 172 10.89 -8.47 16.01
N MET B 173 10.85 -8.66 14.69
CA MET B 173 9.77 -9.41 14.07
C MET B 173 9.71 -10.87 14.50
N LYS B 174 10.85 -11.43 14.86
CA LYS B 174 10.96 -12.82 15.29
C LYS B 174 10.15 -13.13 16.54
N GLN B 175 9.77 -12.10 17.29
CA GLN B 175 8.98 -12.32 18.50
C GLN B 175 7.61 -12.87 18.19
N TRP B 176 7.08 -12.58 17.00
CA TRP B 176 5.75 -13.06 16.66
C TRP B 176 5.60 -13.85 15.37
N ALA B 177 6.68 -13.97 14.60
CA ALA B 177 6.61 -14.75 13.37
C ALA B 177 7.98 -15.17 12.84
N LYS B 178 7.98 -16.09 11.88
CA LYS B 178 9.23 -16.54 11.27
C LYS B 178 9.61 -15.42 10.33
N VAL B 179 10.89 -15.06 10.32
CA VAL B 179 11.36 -13.96 9.50
C VAL B 179 12.19 -14.36 8.29
N ILE B 180 11.80 -13.81 7.14
CA ILE B 180 12.46 -14.06 5.86
C ILE B 180 13.12 -12.76 5.39
N TYR B 181 14.30 -12.86 4.78
CA TYR B 181 14.96 -11.66 4.28
C TYR B 181 14.90 -11.64 2.76
N ASP B 182 14.32 -10.58 2.20
CA ASP B 182 14.22 -10.43 0.75
C ASP B 182 15.53 -9.78 0.29
N ALA B 183 16.42 -10.59 -0.27
CA ALA B 183 17.73 -10.13 -0.71
C ALA B 183 17.74 -9.28 -1.97
N THR B 184 16.74 -9.48 -2.82
CA THR B 184 16.70 -8.75 -4.08
C THR B 184 15.95 -7.41 -4.08
N HIS B 185 14.78 -7.34 -3.44
CA HIS B 185 14.04 -6.08 -3.40
C HIS B 185 14.51 -5.07 -2.36
N SER B 186 15.32 -5.53 -1.42
CA SER B 186 15.80 -4.66 -0.36
C SER B 186 16.87 -3.66 -0.81
N VAL B 187 17.44 -3.90 -1.98
CA VAL B 187 18.48 -3.02 -2.51
C VAL B 187 18.01 -2.27 -3.75
N GLN B 188 16.74 -2.46 -4.10
CA GLN B 188 16.18 -1.79 -5.27
C GLN B 188 15.83 -0.35 -4.92
N LEU B 189 15.99 0.54 -5.91
CA LEU B 189 15.68 1.95 -5.73
C LEU B 189 14.30 2.22 -6.34
N PRO B 190 13.27 2.40 -5.49
CA PRO B 190 11.90 2.68 -5.92
C PRO B 190 11.79 3.74 -7.01
N GLY B 199 18.33 -0.76 -8.50
CA GLY B 199 18.91 -1.35 -7.31
C GLY B 199 20.25 -2.01 -7.57
N MET B 200 21.33 -1.42 -7.06
CA MET B 200 22.66 -1.96 -7.26
C MET B 200 22.76 -3.44 -6.88
N ARG B 201 22.98 -4.28 -7.88
CA ARG B 201 23.11 -5.72 -7.66
C ARG B 201 24.34 -6.04 -6.80
N GLU B 202 25.28 -5.09 -6.76
CA GLU B 202 26.50 -5.27 -5.99
C GLU B 202 26.27 -5.40 -4.49
N PHE B 203 25.09 -5.02 -4.02
CA PHE B 203 24.81 -5.08 -2.59
C PHE B 203 23.96 -6.28 -2.18
N ILE B 204 23.51 -7.04 -3.16
CA ILE B 204 22.69 -8.22 -2.89
C ILE B 204 23.38 -9.23 -1.98
N PHE B 205 24.57 -9.69 -2.37
CA PHE B 205 25.31 -10.69 -1.58
C PHE B 205 25.76 -10.20 -0.20
N PRO B 206 26.34 -8.99 -0.13
CA PRO B 206 26.80 -8.47 1.17
C PRO B 206 25.69 -8.39 2.21
N LEU B 207 24.51 -7.95 1.79
CA LEU B 207 23.40 -7.82 2.72
C LEU B 207 22.75 -9.15 3.09
N ILE B 208 22.81 -10.12 2.18
CA ILE B 208 22.25 -11.42 2.51
C ILE B 208 23.17 -12.02 3.57
N ARG B 209 24.47 -11.77 3.45
CA ARG B 209 25.43 -12.27 4.43
C ARG B 209 25.10 -11.69 5.80
N ALA B 210 24.76 -10.41 5.84
CA ALA B 210 24.41 -9.76 7.10
C ALA B 210 23.14 -10.38 7.67
N ALA B 211 22.16 -10.62 6.79
CA ALA B 211 20.89 -11.21 7.20
C ALA B 211 21.11 -12.49 7.97
N VAL B 212 21.97 -13.36 7.45
CA VAL B 212 22.23 -14.63 8.10
C VAL B 212 23.15 -14.49 9.32
N ALA B 213 24.05 -13.51 9.32
CA ALA B 213 24.92 -13.30 10.48
C ALA B 213 24.04 -12.82 11.62
N VAL B 214 23.05 -12.00 11.29
CA VAL B 214 22.12 -11.47 12.29
C VAL B 214 21.19 -12.58 12.78
N GLY B 215 20.57 -13.26 11.81
CA GLY B 215 19.65 -14.33 12.16
C GLY B 215 18.27 -14.19 11.58
N CYS B 216 17.93 -15.12 10.67
CA CYS B 216 16.62 -15.15 10.05
C CYS B 216 16.27 -16.61 9.73
N ASP B 217 15.01 -16.87 9.43
CA ASP B 217 14.56 -18.23 9.16
C ASP B 217 14.60 -18.63 7.70
N GLY B 218 14.97 -17.70 6.84
CA GLY B 218 15.04 -18.01 5.43
C GLY B 218 15.35 -16.79 4.62
N VAL B 219 15.69 -17.00 3.35
CA VAL B 219 15.98 -15.89 2.46
C VAL B 219 15.11 -16.00 1.22
N PHE B 220 14.79 -14.84 0.66
CA PHE B 220 13.95 -14.71 -0.51
C PHE B 220 14.83 -14.12 -1.62
N MET B 221 14.91 -14.80 -2.77
CA MET B 221 15.74 -14.33 -3.87
C MET B 221 15.10 -14.54 -5.23
N GLU B 222 15.07 -13.48 -6.02
CA GLU B 222 14.54 -13.58 -7.36
C GLU B 222 15.73 -13.91 -8.25
N THR B 223 15.58 -14.94 -9.09
CA THR B 223 16.66 -15.37 -9.97
C THR B 223 16.15 -15.61 -11.40
N HIS B 224 17.01 -15.35 -12.38
CA HIS B 224 16.64 -15.50 -13.78
C HIS B 224 17.86 -15.88 -14.63
N PRO B 225 17.68 -16.79 -15.60
CA PRO B 225 18.78 -17.22 -16.46
C PRO B 225 19.55 -16.05 -17.07
N GLU B 226 18.84 -15.01 -17.44
CA GLU B 226 19.44 -13.81 -18.03
C GLU B 226 18.73 -12.57 -17.49
N PRO B 227 19.00 -12.21 -16.23
CA PRO B 227 18.41 -11.05 -15.55
C PRO B 227 18.19 -9.81 -16.41
N GLU B 228 19.11 -9.53 -17.32
CA GLU B 228 18.99 -8.35 -18.17
C GLU B 228 17.82 -8.43 -19.15
N LYS B 229 17.51 -9.65 -19.60
CA LYS B 229 16.41 -9.86 -20.54
C LYS B 229 15.06 -10.02 -19.82
N ALA B 230 15.11 -10.09 -18.49
CA ALA B 230 13.89 -10.24 -17.70
C ALA B 230 12.93 -9.09 -17.98
N LEU B 231 11.64 -9.38 -17.97
CA LEU B 231 10.63 -8.37 -18.24
C LEU B 231 10.24 -7.61 -16.98
N SER B 232 10.89 -7.95 -15.87
CA SER B 232 10.64 -7.31 -14.59
C SER B 232 11.89 -7.41 -13.72
N ASP B 233 12.06 -6.47 -12.80
CA ASP B 233 13.21 -6.44 -11.90
C ASP B 233 14.49 -6.92 -12.59
N ALA B 234 14.76 -6.37 -13.78
CA ALA B 234 15.95 -6.75 -14.54
C ALA B 234 17.23 -6.23 -13.92
N SER B 235 17.13 -5.20 -13.10
CA SER B 235 18.30 -4.61 -12.47
C SER B 235 18.67 -5.26 -11.13
N THR B 236 17.86 -6.20 -10.67
CA THR B 236 18.12 -6.85 -9.38
C THR B 236 18.02 -8.37 -9.36
N GLN B 237 17.39 -8.97 -10.36
CA GLN B 237 17.28 -10.42 -10.37
C GLN B 237 18.64 -11.10 -10.47
N LEU B 238 18.89 -12.01 -9.53
CA LEU B 238 20.15 -12.73 -9.46
C LEU B 238 20.32 -13.76 -10.58
N PRO B 239 21.51 -13.80 -11.20
CA PRO B 239 21.76 -14.76 -12.29
C PRO B 239 21.66 -16.18 -11.74
N LEU B 240 20.91 -17.04 -12.44
CA LEU B 240 20.71 -18.42 -12.00
C LEU B 240 21.98 -19.15 -11.60
N SER B 241 23.04 -18.95 -12.38
CA SER B 241 24.32 -19.59 -12.14
C SER B 241 24.99 -19.23 -10.82
N GLN B 242 24.65 -18.07 -10.28
CA GLN B 242 25.22 -17.61 -9.01
C GLN B 242 24.46 -18.09 -7.78
N LEU B 243 23.29 -18.65 -8.01
CA LEU B 243 22.45 -19.12 -6.90
C LEU B 243 23.12 -20.13 -5.96
N GLU B 244 23.65 -21.22 -6.53
CA GLU B 244 24.30 -22.23 -5.70
C GLU B 244 25.39 -21.64 -4.81
N GLY B 245 26.27 -20.84 -5.40
CA GLY B 245 27.34 -20.23 -4.63
C GLY B 245 26.85 -19.44 -3.43
N ILE B 246 25.81 -18.63 -3.62
CA ILE B 246 25.26 -17.83 -2.52
C ILE B 246 24.63 -18.71 -1.45
N ILE B 247 23.92 -19.75 -1.86
CA ILE B 247 23.29 -20.64 -0.90
C ILE B 247 24.34 -21.29 -0.02
N GLU B 248 25.38 -21.85 -0.63
CA GLU B 248 26.45 -22.49 0.13
C GLU B 248 27.05 -21.48 1.11
N ALA B 249 27.28 -20.25 0.64
CA ALA B 249 27.84 -19.21 1.50
C ALA B 249 26.97 -18.88 2.71
N ILE B 250 25.67 -18.74 2.51
CA ILE B 250 24.83 -18.41 3.66
C ILE B 250 24.69 -19.58 4.64
N LEU B 251 24.79 -20.81 4.15
CA LEU B 251 24.70 -21.97 5.03
C LEU B 251 25.94 -22.02 5.93
N GLU B 252 27.10 -21.77 5.35
CA GLU B 252 28.37 -21.76 6.09
C GLU B 252 28.35 -20.65 7.15
N ILE B 253 27.91 -19.46 6.76
CA ILE B 253 27.86 -18.34 7.70
C ILE B 253 26.84 -18.62 8.80
N ARG B 254 25.69 -19.14 8.42
CA ARG B 254 24.65 -19.48 9.37
C ARG B 254 25.15 -20.52 10.37
N GLU B 255 25.81 -21.55 9.86
CA GLU B 255 26.33 -22.61 10.72
C GLU B 255 27.18 -22.04 11.83
N VAL B 256 28.09 -21.14 11.48
CA VAL B 256 28.97 -20.53 12.46
C VAL B 256 28.29 -19.48 13.34
N ALA B 257 27.53 -18.59 12.71
CA ALA B 257 26.86 -17.51 13.43
C ALA B 257 25.68 -17.91 14.31
N SER B 258 24.99 -19.00 13.95
CA SER B 258 23.82 -19.46 14.69
C SER B 258 24.10 -19.68 16.17
N LYS B 259 25.34 -19.96 16.51
CA LYS B 259 25.74 -20.16 17.90
C LYS B 259 25.44 -18.91 18.73
N TYR B 260 25.41 -17.76 18.06
CA TYR B 260 25.17 -16.50 18.76
C TYR B 260 23.81 -15.85 18.57
N TYR B 261 22.92 -16.51 17.83
CA TYR B 261 21.57 -15.94 17.63
C TYR B 261 20.91 -15.82 19.00
N GLU B 262 20.40 -14.64 19.33
CA GLU B 262 19.74 -14.44 20.62
C GLU B 262 18.43 -15.21 20.73
N THR B 263 18.11 -15.66 21.94
CA THR B 263 16.87 -16.41 22.16
C THR B 263 15.65 -15.49 22.15
N ILE B 264 14.65 -15.89 21.38
CA ILE B 264 13.37 -15.18 21.19
C ILE B 264 13.55 -13.73 20.74
#